data_6TCB
#
_entry.id   6TCB
#
_cell.length_a   33.004
_cell.length_b   33.028
_cell.length_c   41.338
_cell.angle_alpha   93.920
_cell.angle_beta   103.170
_cell.angle_gamma   118.330
#
_symmetry.space_group_name_H-M   'P 1'
#
loop_
_entity.id
_entity.type
_entity.pdbx_description
1 polymer 'Uncharacterized protein PA2723'
2 non-polymer 'CALCIUM ION'
3 water water
#
_entity_poly.entity_id   1
_entity_poly.type   'polypeptide(L)'
_entity_poly.pdbx_seq_one_letter_code
;GHMDELFEEHLEIAKALFAQRLPYWCDVFLRPADQAFNAYLNARGQASTYLVLEGFDPVYVPRGCDLDAVRATARARARL
REAGLGEDALPVLL
;
_entity_poly.pdbx_strand_id   A,B
#
# COMPACT_ATOMS: atom_id res chain seq x y z
N GLY A 1 4.78 -25.19 -7.25
CA GLY A 1 6.01 -24.90 -6.46
C GLY A 1 5.71 -24.55 -5.02
N HIS A 2 6.72 -24.64 -4.17
CA HIS A 2 6.57 -24.26 -2.78
C HIS A 2 6.60 -22.74 -2.63
N MET A 3 5.70 -22.23 -1.81
CA MET A 3 5.71 -20.80 -1.54
C MET A 3 6.95 -20.38 -0.79
N ASP A 4 7.51 -21.25 0.06
CA ASP A 4 8.71 -20.85 0.79
C ASP A 4 9.84 -20.52 -0.18
N GLU A 5 9.99 -21.31 -1.24
CA GLU A 5 11.06 -21.07 -2.21
C GLU A 5 10.79 -19.83 -3.04
N LEU A 6 9.52 -19.61 -3.43
CA LEU A 6 9.17 -18.42 -4.16
C LEU A 6 9.47 -17.18 -3.35
N PHE A 7 9.07 -17.18 -2.09
CA PHE A 7 9.34 -16.05 -1.21
C PHE A 7 10.83 -15.88 -0.96
N GLU A 8 11.57 -16.97 -0.80
CA GLU A 8 13.01 -16.86 -0.57
C GLU A 8 13.71 -16.22 -1.76
N GLU A 9 13.37 -16.66 -2.98
CA GLU A 9 14.07 -16.12 -4.14
C GLU A 9 13.70 -14.67 -4.39
N HIS A 10 12.42 -14.32 -4.22
CA HIS A 10 12.02 -12.92 -4.37
C HIS A 10 12.60 -12.06 -3.26
N LEU A 11 12.86 -12.64 -2.09
CA LEU A 11 13.58 -11.89 -1.05
C LEU A 11 14.99 -11.53 -1.53
N GLU A 12 15.64 -12.45 -2.24
CA GLU A 12 16.99 -12.16 -2.72
C GLU A 12 16.97 -11.07 -3.77
N ILE A 13 15.95 -11.03 -4.61
CA ILE A 13 15.79 -9.93 -5.56
C ILE A 13 15.56 -8.63 -4.82
N ALA A 14 14.62 -8.64 -3.87
CA ALA A 14 14.36 -7.45 -3.06
C ALA A 14 15.62 -6.95 -2.38
N LYS A 15 16.41 -7.85 -1.80
CA LYS A 15 17.62 -7.44 -1.11
CA LYS A 15 17.61 -7.43 -1.10
C LYS A 15 18.58 -6.71 -2.04
N ALA A 16 18.67 -7.17 -3.30
CA ALA A 16 19.58 -6.51 -4.23
C ALA A 16 19.15 -5.07 -4.50
N LEU A 17 17.84 -4.84 -4.58
CA LEU A 17 17.36 -3.49 -4.80
C LEU A 17 17.41 -2.68 -3.52
N PHE A 18 17.05 -3.30 -2.40
CA PHE A 18 17.02 -2.58 -1.13
C PHE A 18 18.41 -2.13 -0.73
N ALA A 19 19.45 -2.84 -1.17
CA ALA A 19 20.81 -2.43 -0.86
C ALA A 19 21.14 -1.08 -1.45
N GLN A 20 20.42 -0.66 -2.50
CA GLN A 20 20.54 0.66 -3.11
C GLN A 20 19.40 1.58 -2.70
N ARG A 21 18.63 1.19 -1.69
CA ARG A 21 17.44 1.91 -1.26
C ARG A 21 16.46 2.15 -2.40
N LEU A 22 16.37 1.16 -3.31
CA LEU A 22 15.43 1.22 -4.40
C LEU A 22 14.20 0.40 -4.08
N PRO A 23 13.03 0.79 -4.57
CA PRO A 23 11.82 -0.03 -4.39
C PRO A 23 11.85 -1.26 -5.28
N TYR A 24 11.10 -2.28 -4.86
CA TYR A 24 10.95 -3.53 -5.61
C TYR A 24 9.51 -3.61 -6.15
N TRP A 25 9.36 -3.27 -7.43
CA TRP A 25 8.09 -3.42 -8.12
C TRP A 25 7.93 -4.88 -8.50
N CYS A 26 6.90 -5.52 -7.97
CA CYS A 26 6.73 -6.96 -8.18
C CYS A 26 5.27 -7.30 -8.04
N ASP A 27 4.68 -7.87 -9.11
CA ASP A 27 3.27 -8.19 -9.15
C ASP A 27 3.01 -9.68 -9.37
N VAL A 28 4.01 -10.53 -9.10
CA VAL A 28 3.90 -11.95 -9.43
C VAL A 28 2.96 -12.69 -8.50
N PHE A 29 2.78 -12.22 -7.27
CA PHE A 29 2.04 -12.95 -6.27
C PHE A 29 0.55 -12.77 -6.45
N LEU A 30 -0.20 -13.80 -6.12
CA LEU A 30 -1.64 -13.69 -6.05
C LEU A 30 -2.04 -13.15 -4.68
N ARG A 31 -3.31 -12.90 -4.52
CA ARG A 31 -3.82 -12.45 -3.23
C ARG A 31 -4.14 -13.66 -2.37
N PRO A 32 -3.79 -13.65 -1.06
CA PRO A 32 -3.21 -12.58 -0.25
C PRO A 32 -1.69 -12.64 -0.12
N ALA A 33 -1.04 -13.52 -0.90
CA ALA A 33 0.41 -13.63 -0.83
C ALA A 33 1.11 -12.32 -1.16
N ASP A 34 0.51 -11.49 -2.01
CA ASP A 34 1.11 -10.19 -2.33
C ASP A 34 1.35 -9.36 -1.07
N GLN A 35 0.34 -9.28 -0.19
CA GLN A 35 0.50 -8.54 1.06
C GLN A 35 1.40 -9.29 2.02
N ALA A 36 1.29 -10.62 2.05
CA ALA A 36 2.06 -11.42 2.97
C ALA A 36 3.55 -11.32 2.67
N PHE A 37 3.93 -11.12 1.41
CA PHE A 37 5.34 -10.95 1.12
C PHE A 37 5.94 -9.80 1.90
N ASN A 38 5.16 -8.74 2.18
CA ASN A 38 5.72 -7.65 2.98
C ASN A 38 6.02 -8.12 4.40
N ALA A 39 5.16 -8.99 4.95
CA ALA A 39 5.44 -9.54 6.28
C ALA A 39 6.70 -10.41 6.25
N TYR A 40 6.91 -11.14 5.16
CA TYR A 40 8.09 -11.97 4.99
C TYR A 40 9.35 -11.11 4.95
N LEU A 41 9.34 -10.06 4.14
CA LEU A 41 10.49 -9.15 4.09
C LEU A 41 10.83 -8.62 5.48
N ASN A 42 9.82 -8.13 6.20
CA ASN A 42 10.07 -7.55 7.52
C ASN A 42 10.57 -8.60 8.50
N ALA A 43 9.99 -9.81 8.46
CA ALA A 43 10.44 -10.85 9.37
C ALA A 43 11.89 -11.26 9.11
N ARG A 44 12.32 -11.22 7.84
CA ARG A 44 13.66 -11.62 7.45
C ARG A 44 14.66 -10.48 7.51
N GLY A 45 14.29 -9.34 8.12
CA GLY A 45 15.23 -8.28 8.39
C GLY A 45 15.34 -7.21 7.34
N GLN A 46 14.41 -7.15 6.40
CA GLN A 46 14.40 -6.18 5.32
C GLN A 46 13.20 -5.28 5.54
N ALA A 47 13.41 -4.18 6.27
CA ALA A 47 12.32 -3.27 6.61
C ALA A 47 11.67 -2.75 5.35
N SER A 48 10.36 -2.90 5.26
CA SER A 48 9.65 -2.65 4.02
C SER A 48 8.22 -2.16 4.27
N THR A 49 7.80 -1.22 3.44
CA THR A 49 6.43 -0.77 3.36
C THR A 49 5.82 -1.24 2.03
N TYR A 50 4.64 -1.83 2.10
CA TYR A 50 3.94 -2.27 0.90
C TYR A 50 2.99 -1.18 0.45
N LEU A 51 3.03 -0.86 -0.84
CA LEU A 51 2.09 0.06 -1.43
C LEU A 51 1.44 -0.59 -2.65
N VAL A 52 0.19 -0.28 -2.89
CA VAL A 52 -0.42 -0.53 -4.20
C VAL A 52 -0.79 0.82 -4.77
N LEU A 53 -0.23 1.13 -5.94
CA LEU A 53 -0.35 2.43 -6.57
C LEU A 53 -1.12 2.32 -7.87
N GLU A 54 -1.82 3.39 -8.21
CA GLU A 54 -2.60 3.46 -9.45
C GLU A 54 -3.58 2.30 -9.56
N GLY A 55 -4.05 1.80 -8.41
CA GLY A 55 -5.04 0.75 -8.38
C GLY A 55 -4.49 -0.67 -8.42
N PHE A 56 -3.39 -0.90 -9.14
N PHE A 56 -3.36 -0.90 -9.07
CA PHE A 56 -2.93 -2.26 -9.43
CA PHE A 56 -2.96 -2.27 -9.33
C PHE A 56 -1.43 -2.34 -9.74
C PHE A 56 -1.46 -2.48 -9.43
N ASP A 57 -0.62 -1.47 -9.13
CA ASP A 57 0.82 -1.55 -9.29
C ASP A 57 1.47 -1.72 -7.92
N PRO A 58 1.78 -2.95 -7.51
CA PRO A 58 2.32 -3.19 -6.16
C PRO A 58 3.83 -3.07 -6.07
N VAL A 59 4.28 -2.64 -4.90
CA VAL A 59 5.69 -2.34 -4.69
C VAL A 59 6.02 -2.50 -3.21
N TYR A 60 7.24 -2.95 -2.95
CA TYR A 60 7.81 -3.13 -1.62
C TYR A 60 8.93 -2.13 -1.49
N VAL A 61 8.79 -1.20 -0.56
CA VAL A 61 9.64 -0.01 -0.49
C VAL A 61 10.50 -0.09 0.76
N PRO A 62 11.83 -0.07 0.64
CA PRO A 62 12.68 -0.14 1.82
C PRO A 62 12.65 1.17 2.61
N ARG A 63 12.89 1.06 3.91
CA ARG A 63 13.17 2.25 4.71
C ARG A 63 14.34 3.01 4.10
N GLY A 64 14.23 4.33 4.02
CA GLY A 64 15.24 5.13 3.37
C GLY A 64 14.94 5.47 1.92
N CYS A 65 13.80 5.01 1.42
CA CYS A 65 13.28 5.40 0.12
C CYS A 65 11.99 6.19 0.31
N ASP A 66 11.90 7.33 -0.36
CA ASP A 66 10.83 8.29 -0.17
C ASP A 66 9.55 7.77 -0.80
N LEU A 67 8.48 7.69 -0.02
CA LEU A 67 7.25 7.08 -0.52
C LEU A 67 6.56 7.99 -1.52
N ASP A 68 6.60 9.30 -1.30
CA ASP A 68 6.01 10.21 -2.28
C ASP A 68 6.70 10.09 -3.63
N ALA A 69 8.01 9.84 -3.63
CA ALA A 69 8.72 9.66 -4.88
C ALA A 69 8.31 8.36 -5.56
N VAL A 70 8.04 7.31 -4.79
CA VAL A 70 7.53 6.07 -5.37
C VAL A 70 6.16 6.30 -6.01
N ARG A 71 5.29 7.04 -5.34
CA ARG A 71 3.99 7.35 -5.92
C ARG A 71 4.13 8.17 -7.20
N ALA A 72 5.01 9.16 -7.21
CA ALA A 72 5.24 9.91 -8.43
C ALA A 72 5.73 8.98 -9.55
N THR A 73 6.61 8.03 -9.20
CA THR A 73 7.10 7.07 -10.17
C THR A 73 5.95 6.25 -10.75
N ALA A 74 4.99 5.85 -9.90
CA ALA A 74 3.89 5.03 -10.37
C ALA A 74 3.04 5.76 -11.41
N ARG A 75 2.91 7.09 -11.27
CA ARG A 75 2.16 7.86 -12.27
C ARG A 75 2.81 7.75 -13.64
N ALA A 76 4.13 7.85 -13.68
CA ALA A 76 4.84 7.71 -14.94
C ALA A 76 4.79 6.28 -15.46
N ARG A 77 4.97 5.30 -14.57
CA ARG A 77 4.86 3.91 -14.96
C ARG A 77 3.50 3.62 -15.60
N ALA A 78 2.43 4.21 -15.06
CA ALA A 78 1.11 3.94 -15.60
C ALA A 78 0.99 4.47 -17.03
N ARG A 79 1.48 5.67 -17.28
CA ARG A 79 1.42 6.21 -18.64
CA ARG A 79 1.44 6.21 -18.64
C ARG A 79 2.23 5.33 -19.59
N LEU A 80 3.40 4.86 -19.16
CA LEU A 80 4.25 4.07 -20.04
C LEU A 80 3.69 2.68 -20.26
N ARG A 81 3.09 2.09 -19.23
CA ARG A 81 2.46 0.79 -19.39
C ARG A 81 1.30 0.88 -20.38
N GLU A 82 0.48 1.91 -20.27
CA GLU A 82 -0.64 2.08 -21.20
CA GLU A 82 -0.64 2.00 -21.20
C GLU A 82 -0.14 2.21 -22.64
N ALA A 83 1.04 2.80 -22.81
CA ALA A 83 1.62 2.95 -24.14
C ALA A 83 2.21 1.65 -24.66
N GLY A 84 2.26 0.61 -23.83
CA GLY A 84 2.70 -0.71 -24.26
C GLY A 84 4.08 -1.12 -23.80
N LEU A 85 4.75 -0.35 -22.95
CA LEU A 85 6.06 -0.75 -22.48
C LEU A 85 5.95 -1.90 -21.48
N GLY A 86 6.88 -2.85 -21.58
CA GLY A 86 6.90 -3.97 -20.65
C GLY A 86 7.42 -3.56 -19.29
N GLU A 87 7.11 -4.39 -18.29
CA GLU A 87 7.38 -4.02 -16.90
C GLU A 87 8.87 -3.76 -16.67
N ASP A 88 9.75 -4.50 -17.33
CA ASP A 88 11.19 -4.35 -17.07
C ASP A 88 11.78 -3.08 -17.67
N ALA A 89 11.04 -2.39 -18.54
CA ALA A 89 11.46 -1.10 -19.09
C ALA A 89 10.82 0.07 -18.36
N LEU A 90 9.92 -0.18 -17.41
CA LEU A 90 9.28 0.91 -16.70
C LEU A 90 10.24 1.49 -15.65
N PRO A 91 10.10 2.77 -15.35
CA PRO A 91 10.99 3.39 -14.35
C PRO A 91 10.86 2.73 -12.99
N VAL A 92 11.99 2.60 -12.32
CA VAL A 92 12.05 2.06 -10.96
C VAL A 92 11.87 3.18 -9.94
N LEU A 93 12.54 4.32 -10.14
CA LEU A 93 12.43 5.45 -9.24
C LEU A 93 12.83 6.68 -10.02
N LEU A 94 11.93 7.64 -10.18
CA LEU A 94 12.25 8.82 -10.97
C LEU A 94 13.42 9.61 -10.41
N GLY B 1 -25.50 -7.92 -2.70
CA GLY B 1 -25.02 -8.60 -1.47
C GLY B 1 -24.40 -7.63 -0.50
N HIS B 2 -24.19 -8.10 0.73
CA HIS B 2 -23.69 -7.21 1.76
C HIS B 2 -22.33 -6.60 1.40
N MET B 3 -21.51 -7.30 0.61
CA MET B 3 -20.22 -6.71 0.24
CA MET B 3 -20.22 -6.68 0.29
C MET B 3 -20.40 -5.50 -0.66
N ASP B 4 -21.40 -5.55 -1.55
CA ASP B 4 -21.66 -4.41 -2.42
C ASP B 4 -22.04 -3.19 -1.59
N GLU B 5 -22.92 -3.39 -0.60
CA GLU B 5 -23.31 -2.31 0.29
C GLU B 5 -22.11 -1.83 1.10
N LEU B 6 -21.27 -2.76 1.58
CA LEU B 6 -20.08 -2.40 2.33
C LEU B 6 -19.21 -1.45 1.52
N PHE B 7 -18.90 -1.81 0.28
CA PHE B 7 -18.01 -0.98 -0.51
C PHE B 7 -18.65 0.35 -0.87
N GLU B 8 -19.94 0.35 -1.19
CA GLU B 8 -20.60 1.60 -1.57
C GLU B 8 -20.66 2.56 -0.39
N GLU B 9 -20.98 2.07 0.80
CA GLU B 9 -21.08 2.96 1.96
C GLU B 9 -19.70 3.50 2.35
N HIS B 10 -18.67 2.65 2.30
CA HIS B 10 -17.34 3.10 2.65
C HIS B 10 -16.75 4.02 1.60
N LEU B 11 -17.17 3.87 0.33
CA LEU B 11 -16.77 4.85 -0.67
C LEU B 11 -17.22 6.25 -0.28
N GLU B 12 -18.45 6.40 0.24
CA GLU B 12 -18.92 7.73 0.61
CA GLU B 12 -18.92 7.72 0.61
C GLU B 12 -18.04 8.34 1.69
N ILE B 13 -17.66 7.55 2.69
CA ILE B 13 -16.83 8.06 3.78
C ILE B 13 -15.45 8.42 3.25
N ALA B 14 -14.88 7.57 2.41
CA ALA B 14 -13.58 7.85 1.82
C ALA B 14 -13.61 9.16 1.05
N LYS B 15 -14.65 9.37 0.24
CA LYS B 15 -14.76 10.61 -0.52
C LYS B 15 -14.75 11.82 0.40
N ALA B 16 -15.46 11.74 1.53
CA ALA B 16 -15.51 12.87 2.45
C ALA B 16 -14.15 13.14 3.07
N LEU B 17 -13.43 12.09 3.47
CA LEU B 17 -12.09 12.27 4.01
C LEU B 17 -11.13 12.80 2.96
N PHE B 18 -11.19 12.23 1.75
CA PHE B 18 -10.26 12.60 0.70
C PHE B 18 -10.42 14.07 0.31
N ALA B 19 -11.64 14.61 0.44
CA ALA B 19 -11.89 16.02 0.13
C ALA B 19 -11.08 16.94 1.04
N GLN B 20 -10.66 16.46 2.20
CA GLN B 20 -9.79 17.19 3.10
C GLN B 20 -8.38 16.64 3.11
N ARG B 21 -8.01 15.81 2.13
CA ARG B 21 -6.67 15.23 2.01
C ARG B 21 -6.32 14.38 3.24
N LEU B 22 -7.33 13.81 3.90
CA LEU B 22 -7.09 12.94 5.04
C LEU B 22 -7.07 11.48 4.60
N PRO B 23 -6.23 10.67 5.23
CA PRO B 23 -6.24 9.23 4.95
C PRO B 23 -7.40 8.57 5.67
N TYR B 24 -7.79 7.41 5.14
CA TYR B 24 -8.89 6.61 5.68
C TYR B 24 -8.30 5.32 6.23
N TRP B 25 -8.21 5.24 7.56
CA TRP B 25 -7.84 4.01 8.25
C TRP B 25 -9.16 3.29 8.49
N CYS B 26 -9.41 2.27 7.72
CA CYS B 26 -10.68 1.55 7.76
C CYS B 26 -10.35 0.08 7.95
N ASP B 27 -10.87 -0.51 9.03
CA ASP B 27 -10.55 -1.88 9.41
C ASP B 27 -11.73 -2.82 9.27
N VAL B 28 -12.76 -2.42 8.51
CA VAL B 28 -13.94 -3.26 8.40
C VAL B 28 -13.80 -4.35 7.34
N PHE B 29 -12.72 -4.34 6.56
CA PHE B 29 -12.51 -5.32 5.51
C PHE B 29 -11.62 -6.44 6.02
N LEU B 30 -12.03 -7.68 5.77
CA LEU B 30 -11.20 -8.84 6.06
C LEU B 30 -10.26 -9.07 4.90
N ARG B 31 -8.96 -9.18 5.19
CA ARG B 31 -7.98 -9.43 4.13
C ARG B 31 -8.42 -10.65 3.33
N PRO B 32 -8.36 -10.60 1.97
CA PRO B 32 -7.84 -9.57 1.06
C PRO B 32 -8.86 -8.58 0.46
N ALA B 33 -10.02 -8.44 1.12
CA ALA B 33 -10.96 -7.38 0.76
C ALA B 33 -10.41 -6.00 1.09
N ASP B 34 -9.51 -5.91 2.08
CA ASP B 34 -8.82 -4.65 2.38
C ASP B 34 -8.16 -4.06 1.13
N GLN B 35 -7.36 -4.87 0.43
CA GLN B 35 -6.72 -4.36 -0.77
C GLN B 35 -7.73 -4.13 -1.89
N ALA B 36 -8.74 -4.99 -2.01
CA ALA B 36 -9.73 -4.82 -3.06
C ALA B 36 -10.50 -3.51 -2.90
N PHE B 37 -10.71 -3.04 -1.67
CA PHE B 37 -11.39 -1.75 -1.50
C PHE B 37 -10.59 -0.62 -2.15
N ASN B 38 -9.26 -0.69 -2.09
CA ASN B 38 -8.46 0.32 -2.77
C ASN B 38 -8.65 0.25 -4.28
N ALA B 39 -8.72 -0.96 -4.83
CA ALA B 39 -9.00 -1.11 -6.25
C ALA B 39 -10.35 -0.51 -6.60
N TYR B 40 -11.35 -0.70 -5.73
CA TYR B 40 -12.68 -0.14 -5.94
C TYR B 40 -12.67 1.38 -5.91
N LEU B 41 -11.99 1.97 -4.93
CA LEU B 41 -11.88 3.43 -4.88
C LEU B 41 -11.35 3.97 -6.21
N ASN B 42 -10.24 3.40 -6.69
CA ASN B 42 -9.64 3.87 -7.93
C ASN B 42 -10.58 3.65 -9.12
N ALA B 43 -11.25 2.51 -9.17
CA ALA B 43 -12.20 2.25 -10.25
C ALA B 43 -13.38 3.22 -10.21
N ARG B 44 -13.71 3.76 -9.04
CA ARG B 44 -14.81 4.71 -8.89
C ARG B 44 -14.34 6.16 -8.95
N GLY B 45 -13.10 6.42 -9.39
CA GLY B 45 -12.63 7.77 -9.60
C GLY B 45 -12.02 8.46 -8.40
N GLN B 46 -11.81 7.77 -7.30
CA GLN B 46 -11.20 8.35 -6.10
C GLN B 46 -9.76 7.87 -6.04
N ALA B 47 -8.83 8.71 -6.49
CA ALA B 47 -7.43 8.32 -6.56
C ALA B 47 -6.91 8.00 -5.17
N SER B 48 -6.49 6.76 -4.97
CA SER B 48 -6.12 6.27 -3.66
C SER B 48 -4.89 5.40 -3.78
N THR B 49 -4.05 5.44 -2.78
CA THR B 49 -2.92 4.53 -2.61
C THR B 49 -3.17 3.69 -1.38
N TYR B 50 -2.95 2.38 -1.49
CA TYR B 50 -3.05 1.47 -0.35
C TYR B 50 -1.68 1.30 0.27
N LEU B 51 -1.61 1.38 1.60
CA LEU B 51 -0.34 1.26 2.31
C LEU B 51 -0.47 0.29 3.47
N VAL B 52 0.52 -0.61 3.59
CA VAL B 52 0.59 -1.58 4.67
C VAL B 52 2.00 -1.59 5.23
N LEU B 53 2.12 -1.50 6.55
CA LEU B 53 3.43 -1.50 7.22
C LEU B 53 3.67 -2.87 7.86
N GLU B 54 3.37 -3.05 9.15
CA GLU B 54 3.68 -4.32 9.80
C GLU B 54 2.55 -4.92 10.62
N GLY B 55 1.36 -4.32 10.65
CA GLY B 55 0.23 -4.90 11.34
C GLY B 55 -1.02 -4.75 10.50
N PHE B 56 -2.14 -5.29 11.02
CA PHE B 56 -3.42 -5.08 10.35
C PHE B 56 -3.92 -3.68 10.71
N ASP B 57 -3.60 -2.77 9.82
N ASP B 57 -3.86 -2.77 9.74
CA ASP B 57 -3.93 -1.37 9.89
CA ASP B 57 -4.34 -1.42 9.95
C ASP B 57 -3.65 -0.80 8.50
C ASP B 57 -4.60 -0.76 8.59
N PRO B 58 -4.16 -1.42 7.44
N PRO B 58 -5.54 -1.27 7.81
CA PRO B 58 -4.02 -0.80 6.11
CA PRO B 58 -5.66 -0.82 6.42
C PRO B 58 -4.72 0.55 6.09
C PRO B 58 -5.84 0.68 6.32
N VAL B 59 -4.37 1.38 5.10
N VAL B 59 -5.16 1.25 5.33
CA VAL B 59 -4.91 2.72 5.00
CA VAL B 59 -5.22 2.69 5.07
C VAL B 59 -5.01 3.13 3.53
C VAL B 59 -5.23 2.96 3.58
N TYR B 60 -6.01 3.96 3.22
CA TYR B 60 -6.28 4.41 1.85
C TYR B 60 -5.95 5.89 1.82
N VAL B 61 -4.99 6.28 0.99
CA VAL B 61 -4.37 7.60 1.07
C VAL B 61 -4.67 8.38 -0.20
N PRO B 62 -5.27 9.56 -0.12
CA PRO B 62 -5.56 10.33 -1.33
C PRO B 62 -4.34 11.05 -1.88
N ARG B 63 -4.45 11.46 -3.14
CA ARG B 63 -3.48 12.37 -3.72
CA ARG B 63 -3.48 12.37 -3.72
C ARG B 63 -3.42 13.63 -2.87
N GLY B 64 -2.22 14.19 -2.72
CA GLY B 64 -2.05 15.38 -1.91
C GLY B 64 -1.91 15.12 -0.42
N CYS B 65 -2.08 13.88 0.03
CA CYS B 65 -1.75 13.48 1.39
C CYS B 65 -0.37 12.80 1.35
N ASP B 66 0.49 13.20 2.28
CA ASP B 66 1.89 12.80 2.26
C ASP B 66 2.03 11.35 2.72
N LEU B 67 2.58 10.49 1.85
CA LEU B 67 2.64 9.07 2.21
C LEU B 67 3.69 8.81 3.27
N ASP B 68 4.77 9.60 3.31
CA ASP B 68 5.76 9.44 4.37
C ASP B 68 5.14 9.78 5.71
N ALA B 69 4.30 10.81 5.76
CA ALA B 69 3.59 11.12 7.00
C ALA B 69 2.65 9.99 7.39
N VAL B 70 2.00 9.36 6.41
CA VAL B 70 1.11 8.24 6.74
C VAL B 70 1.91 7.07 7.31
N ARG B 71 3.06 6.76 6.70
CA ARG B 71 3.91 5.70 7.21
CA ARG B 71 3.93 5.71 7.20
CA ARG B 71 3.90 5.69 7.21
C ARG B 71 4.30 5.96 8.66
N ALA B 72 4.73 7.18 8.98
CA ALA B 72 5.09 7.50 10.35
C ALA B 72 3.88 7.35 11.27
N THR B 73 2.71 7.76 10.78
CA THR B 73 1.49 7.61 11.56
C THR B 73 1.20 6.15 11.85
N ALA B 74 1.36 5.28 10.84
CA ALA B 74 1.12 3.86 11.05
C ALA B 74 2.00 3.31 12.16
N ARG B 75 3.25 3.76 12.21
CA ARG B 75 4.15 3.30 13.27
C ARG B 75 3.65 3.75 14.64
N ALA B 76 3.24 5.01 14.75
CA ALA B 76 2.74 5.50 16.03
C ALA B 76 1.46 4.78 16.44
N ARG B 77 0.57 4.56 15.48
CA ARG B 77 -0.68 3.83 15.77
C ARG B 77 -0.38 2.44 16.31
N ALA B 78 0.58 1.74 15.71
CA ALA B 78 0.91 0.39 16.18
C ALA B 78 1.44 0.41 17.60
N ARG B 79 2.30 1.37 17.94
CA ARG B 79 2.84 1.46 19.29
C ARG B 79 1.74 1.73 20.30
N LEU B 80 0.79 2.60 19.94
CA LEU B 80 -0.29 2.96 20.87
C LEU B 80 -1.29 1.82 21.02
N ARG B 81 -1.57 1.11 19.93
CA ARG B 81 -2.42 -0.08 19.98
C ARG B 81 -1.82 -1.13 20.90
N GLU B 82 -0.51 -1.35 20.80
CA GLU B 82 0.17 -2.32 21.65
C GLU B 82 0.01 -2.00 23.12
N ALA B 83 -0.07 -0.71 23.45
CA ALA B 83 -0.19 -0.27 24.83
C ALA B 83 -1.61 -0.39 25.37
N GLY B 84 -2.59 -0.70 24.53
CA GLY B 84 -3.97 -0.92 24.98
C GLY B 84 -5.00 0.07 24.48
N LEU B 85 -4.64 1.07 23.68
CA LEU B 85 -5.61 2.06 23.24
C LEU B 85 -6.50 1.47 22.16
N GLY B 86 -7.76 1.93 22.11
CA GLY B 86 -8.67 1.51 21.07
C GLY B 86 -8.46 2.28 19.79
N GLU B 87 -8.97 1.72 18.68
CA GLU B 87 -8.69 2.26 17.36
C GLU B 87 -9.16 3.72 17.25
N ASP B 88 -10.30 4.03 17.87
CA ASP B 88 -10.86 5.38 17.77
C ASP B 88 -9.97 6.43 18.43
N ALA B 89 -9.11 6.02 19.36
CA ALA B 89 -8.24 6.96 20.06
C ALA B 89 -6.90 7.15 19.37
N LEU B 90 -6.62 6.42 18.31
CA LEU B 90 -5.35 6.49 17.62
C LEU B 90 -5.30 7.68 16.68
N PRO B 91 -4.11 8.23 16.44
CA PRO B 91 -3.97 9.35 15.50
C PRO B 91 -4.27 8.91 14.08
N VAL B 92 -4.81 9.84 13.30
CA VAL B 92 -5.11 9.59 11.89
CA VAL B 92 -5.09 9.56 11.89
C VAL B 92 -3.98 10.14 11.02
N LEU B 93 -3.34 11.20 11.47
CA LEU B 93 -2.27 11.80 10.68
C LEU B 93 -1.39 12.60 11.64
N LEU B 94 -0.15 12.17 11.81
CA LEU B 94 0.81 12.94 12.59
C LEU B 94 1.12 14.22 11.82
#